data_4RVJ
#
_entry.id   4RVJ
#
_cell.length_a   45.250
_cell.length_b   57.310
_cell.length_c   86.900
_cell.angle_alpha   90.00
_cell.angle_beta   90.01
_cell.angle_gamma   90.00
#
_symmetry.space_group_name_H-M   'P 1 21 1'
#
loop_
_entity.id
_entity.type
_entity.pdbx_description
1 polymer 'HIV-1 protease'
2 non-polymer '{3-[(4-AMINO-BENZENESULFONYL)-ISOBUTYL-AMINO]-1-BENZYL-2-HYDROXY-PROPYL}-CARBAMIC ACID TETRAHYDRO-FURAN-3-YL ESTER'
3 water water
#
_entity_poly.entity_id   1
_entity_poly.type   'polypeptide(L)'
_entity_poly.pdbx_seq_one_letter_code
;PQITLWQRPIVTIKVGGQLKEALLDTGADDTVLEDMELPGRWKPRMIGGIGGFVKVRQYDQIPIEICGHKVIGTVLVGPT
PTNIIGRNLMTQLGCTLNF
;
_entity_poly.pdbx_strand_id   A,B,C,D
#
# COMPACT_ATOMS: atom_id res chain seq x y z
N PRO A 1 2.75 -0.53 0.63
CA PRO A 1 3.86 -0.38 -0.31
C PRO A 1 3.91 -1.57 -1.23
N GLN A 2 4.51 -1.40 -2.40
CA GLN A 2 4.84 -2.50 -3.26
C GLN A 2 6.37 -2.56 -3.36
N ILE A 3 6.96 -3.68 -2.97
CA ILE A 3 8.38 -3.74 -2.82
C ILE A 3 8.90 -4.72 -3.84
N THR A 4 9.78 -4.24 -4.72
CA THR A 4 10.32 -5.19 -5.71
C THR A 4 11.54 -5.90 -5.07
N LEU A 5 12.10 -6.83 -5.84
CA LEU A 5 13.06 -7.73 -5.23
C LEU A 5 14.42 -7.64 -5.90
N TRP A 6 14.68 -6.55 -6.63
CA TRP A 6 16.04 -6.36 -7.19
C TRP A 6 17.07 -6.23 -6.11
N GLN A 7 16.67 -5.67 -4.95
CA GLN A 7 17.50 -5.63 -3.77
C GLN A 7 16.82 -6.43 -2.65
N ARG A 8 17.57 -6.66 -1.59
CA ARG A 8 16.94 -7.34 -0.44
C ARG A 8 15.84 -6.43 0.13
N PRO A 9 14.69 -7.00 0.49
CA PRO A 9 13.55 -6.19 0.98
C PRO A 9 13.70 -5.89 2.45
N ILE A 10 14.44 -4.82 2.75
CA ILE A 10 14.80 -4.47 4.14
C ILE A 10 13.92 -3.31 4.58
N VAL A 11 13.38 -3.43 5.78
CA VAL A 11 12.53 -2.38 6.36
C VAL A 11 12.94 -2.04 7.77
N THR A 12 12.47 -0.90 8.27
CA THR A 12 12.78 -0.49 9.63
C THR A 12 11.72 -1.03 10.56
N ILE A 13 12.15 -1.56 11.68
CA ILE A 13 11.23 -2.06 12.69
C ILE A 13 11.52 -1.44 14.04
N LYS A 14 10.55 -1.52 14.96
CA LYS A 14 10.82 -1.09 16.31
C LYS A 14 10.36 -2.21 17.21
N VAL A 15 11.25 -2.68 18.08
CA VAL A 15 10.98 -3.84 18.93
C VAL A 15 11.72 -3.75 20.24
N GLY A 16 11.02 -4.00 21.33
CA GLY A 16 11.67 -3.96 22.64
C GLY A 16 12.38 -2.65 22.92
N GLY A 17 11.79 -1.56 22.46
CA GLY A 17 12.39 -0.25 22.64
C GLY A 17 13.51 0.09 21.67
N GLN A 18 13.75 -0.78 20.68
CA GLN A 18 14.97 -0.62 19.85
C GLN A 18 14.63 -0.49 18.37
N LEU A 19 15.30 0.42 17.67
CA LEU A 19 15.03 0.61 16.24
C LEU A 19 16.09 -0.13 15.47
N LYS A 20 15.66 -0.94 14.50
CA LYS A 20 16.60 -1.67 13.67
C LYS A 20 16.06 -2.02 12.27
N GLU A 21 16.94 -2.54 11.44
CA GLU A 21 16.53 -2.90 10.09
C GLU A 21 16.35 -4.41 10.07
N ALA A 22 15.40 -4.86 9.26
CA ALA A 22 15.18 -6.31 9.16
C ALA A 22 14.73 -6.69 7.79
N LEU A 23 14.92 -7.96 7.44
CA LEU A 23 14.62 -8.50 6.10
C LEU A 23 13.22 -9.11 6.05
N LEU A 24 12.34 -8.65 5.14
CA LEU A 24 11.04 -9.31 4.93
C LEU A 24 11.26 -10.61 4.20
N ASP A 25 11.02 -11.72 4.92
CA ASP A 25 11.46 -13.02 4.42
C ASP A 25 10.31 -14.05 4.38
N THR A 26 9.80 -14.25 3.16
CA THR A 26 8.72 -15.23 3.00
C THR A 26 9.17 -16.66 3.17
N GLY A 27 10.50 -16.88 3.22
CA GLY A 27 11.00 -18.24 3.43
C GLY A 27 11.20 -18.54 4.91
N ALA A 28 10.94 -17.57 5.79
CA ALA A 28 11.09 -17.79 7.24
C ALA A 28 9.72 -18.01 7.90
N ASP A 29 9.49 -19.17 8.51
CA ASP A 29 8.20 -19.36 9.13
C ASP A 29 7.98 -18.36 10.26
N ASP A 30 9.01 -18.16 11.11
CA ASP A 30 8.90 -17.22 12.23
C ASP A 30 9.99 -16.19 12.25
N THR A 31 9.63 -15.01 12.71
CA THR A 31 10.58 -13.90 12.91
C THR A 31 11.75 -14.28 13.79
N VAL A 32 12.98 -13.94 13.35
CA VAL A 32 14.12 -14.21 14.21
C VAL A 32 14.98 -12.98 14.22
N LEU A 33 15.30 -12.49 15.41
CA LEU A 33 16.13 -11.26 15.51
C LEU A 33 17.47 -11.57 16.12
N GLU A 34 18.48 -10.77 15.77
CA GLU A 34 19.78 -10.92 16.41
C GLU A 34 19.62 -10.77 17.90
N ASP A 35 20.53 -11.42 18.63
CA ASP A 35 20.42 -11.49 20.10
C ASP A 35 20.22 -10.14 20.77
N MET A 36 19.18 -10.06 21.58
CA MET A 36 18.82 -8.85 22.29
C MET A 36 17.99 -9.31 23.46
N GLU A 37 17.78 -8.42 24.42
CA GLU A 37 16.85 -8.63 25.56
C GLU A 37 15.37 -8.40 25.15
N LEU A 38 14.50 -9.35 25.53
CA LEU A 38 13.04 -9.17 25.44
C LEU A 38 12.45 -9.56 26.77
N PRO A 39 11.31 -8.96 27.08
CA PRO A 39 10.69 -9.22 28.38
C PRO A 39 9.97 -10.57 28.39
N GLY A 40 9.81 -11.17 29.57
CA GLY A 40 8.92 -12.31 29.69
C GLY A 40 9.61 -13.63 29.65
N ARG A 41 8.82 -14.70 29.70
CA ARG A 41 9.37 -16.04 29.71
C ARG A 41 9.73 -16.46 28.25
N TRP A 42 10.69 -17.35 28.13
CA TRP A 42 11.03 -17.89 26.82
C TRP A 42 11.30 -19.38 26.86
N LYS A 43 11.31 -20.00 25.69
CA LYS A 43 11.53 -21.45 25.57
C LYS A 43 12.64 -21.62 24.54
N PRO A 44 13.55 -22.55 24.76
CA PRO A 44 14.60 -22.83 23.78
C PRO A 44 14.04 -23.57 22.54
N ARG A 45 14.61 -23.20 21.40
CA ARG A 45 14.21 -23.80 20.12
C ARG A 45 15.43 -23.88 19.22
N MET A 46 15.41 -24.79 18.25
CA MET A 46 16.43 -24.87 17.20
C MET A 46 15.78 -24.55 15.85
N ILE A 47 16.40 -23.64 15.09
CA ILE A 47 15.91 -23.36 13.75
C ILE A 47 17.02 -23.69 12.78
N GLY A 48 16.64 -24.14 11.60
CA GLY A 48 17.67 -24.65 10.71
C GLY A 48 17.44 -24.23 9.28
N GLY A 49 18.54 -24.19 8.52
CA GLY A 49 18.50 -23.83 7.11
C GLY A 49 19.87 -24.07 6.49
N ILE A 50 20.21 -23.19 5.53
CA ILE A 50 21.48 -23.25 4.88
C ILE A 50 22.58 -23.13 5.87
N GLY A 51 22.59 -22.24 6.81
CA GLY A 51 23.80 -22.75 7.63
C GLY A 51 24.04 -24.14 8.44
N GLY A 52 23.05 -25.03 8.46
CA GLY A 52 22.75 -25.87 9.61
C GLY A 52 21.79 -25.15 10.57
N PHE A 53 21.95 -25.45 11.86
CA PHE A 53 21.00 -24.98 12.89
C PHE A 53 21.62 -23.97 13.84
N VAL A 54 20.75 -23.13 14.41
CA VAL A 54 21.13 -22.23 15.49
C VAL A 54 20.11 -22.32 16.61
N LYS A 55 20.60 -22.27 17.83
CA LYS A 55 19.74 -22.21 19.00
C LYS A 55 19.17 -20.80 19.24
N VAL A 56 17.87 -20.71 19.49
CA VAL A 56 17.23 -19.40 19.73
C VAL A 56 16.35 -19.47 20.96
N ARG A 57 15.94 -18.29 21.47
CA ARG A 57 14.95 -18.22 22.53
C ARG A 57 13.67 -17.76 21.92
N GLN A 58 12.58 -18.45 22.25
CA GLN A 58 11.28 -18.13 21.69
C GLN A 58 10.47 -17.34 22.71
N TYR A 59 10.14 -16.11 22.33
CA TYR A 59 9.29 -15.22 23.12
C TYR A 59 7.96 -15.09 22.44
N ASP A 60 6.90 -15.11 23.24
CA ASP A 60 5.59 -15.05 22.61
C ASP A 60 4.92 -13.70 22.80
N GLN A 61 4.00 -13.37 21.88
CA GLN A 61 3.20 -12.13 21.95
C GLN A 61 4.06 -10.87 22.11
N ILE A 62 5.07 -10.72 21.26
CA ILE A 62 5.94 -9.55 21.34
C ILE A 62 5.46 -8.55 20.31
N PRO A 63 5.26 -7.31 20.74
CA PRO A 63 4.85 -6.29 19.78
C PRO A 63 6.03 -5.76 18.98
N ILE A 64 5.80 -5.66 17.67
CA ILE A 64 6.77 -5.07 16.76
C ILE A 64 6.06 -4.11 15.85
N GLU A 65 6.66 -2.95 15.64
CA GLU A 65 6.15 -2.05 14.65
C GLU A 65 7.00 -2.17 13.40
N ILE A 66 6.35 -2.41 12.27
CA ILE A 66 7.04 -2.65 10.99
C ILE A 66 6.51 -1.63 10.01
N CYS A 67 7.38 -0.74 9.55
CA CYS A 67 6.92 0.31 8.64
C CYS A 67 5.73 1.03 9.24
N GLY A 68 5.77 1.25 10.56
CA GLY A 68 4.70 2.00 11.20
C GLY A 68 3.42 1.24 11.53
N HIS A 69 3.35 -0.05 11.20
CA HIS A 69 2.15 -0.82 11.47
C HIS A 69 2.45 -1.68 12.68
N LYS A 70 1.57 -1.68 13.68
CA LYS A 70 1.82 -2.44 14.89
C LYS A 70 1.30 -3.87 14.75
N VAL A 71 2.17 -4.86 14.96
CA VAL A 71 1.77 -6.27 14.82
C VAL A 71 2.26 -6.94 16.04
N ILE A 72 1.83 -8.18 16.26
CA ILE A 72 2.21 -8.87 17.46
C ILE A 72 2.35 -10.35 17.15
N GLY A 73 3.34 -10.99 17.77
CA GLY A 73 3.48 -12.42 17.56
C GLY A 73 4.75 -12.98 18.14
N THR A 74 5.04 -14.23 17.79
CA THR A 74 6.26 -14.88 18.29
C THR A 74 7.49 -14.25 17.69
N VAL A 75 8.51 -14.03 18.54
CA VAL A 75 9.78 -13.52 18.08
C VAL A 75 10.82 -14.47 18.64
N LEU A 76 11.64 -15.00 17.74
CA LEU A 76 12.79 -15.82 18.15
C LEU A 76 14.01 -14.89 18.23
N VAL A 77 14.90 -15.15 19.20
CA VAL A 77 16.11 -14.34 19.30
C VAL A 77 17.34 -15.23 19.43
N GLY A 78 18.37 -14.94 18.65
CA GLY A 78 19.60 -15.74 18.74
C GLY A 78 20.64 -15.25 17.77
N PRO A 79 21.66 -16.08 17.51
CA PRO A 79 22.81 -15.63 16.71
C PRO A 79 22.58 -15.71 15.19
N THR A 80 21.44 -15.21 14.75
CA THR A 80 21.22 -15.06 13.32
C THR A 80 22.13 -13.98 12.78
N PRO A 81 22.65 -14.19 11.58
CA PRO A 81 23.47 -13.11 11.01
C PRO A 81 22.71 -11.89 10.57
N THR A 82 21.37 -11.95 10.51
CA THR A 82 20.62 -10.78 10.13
C THR A 82 19.23 -10.83 10.77
N ASN A 83 18.63 -9.68 11.04
CA ASN A 83 17.25 -9.69 11.54
C ASN A 83 16.29 -10.06 10.43
N ILE A 84 15.36 -10.94 10.77
CA ILE A 84 14.43 -11.50 9.78
C ILE A 84 13.01 -11.36 10.27
N ILE A 85 12.14 -10.75 9.48
CA ILE A 85 10.72 -10.76 9.77
C ILE A 85 10.13 -11.92 8.98
N GLY A 86 9.49 -12.87 9.69
CA GLY A 86 8.98 -14.06 9.01
C GLY A 86 7.50 -13.95 8.73
N ARG A 87 6.98 -15.03 8.20
CA ARG A 87 5.55 -15.08 7.82
C ARG A 87 4.66 -14.76 8.98
N ASN A 88 5.03 -15.15 10.20
CA ASN A 88 4.10 -15.04 11.30
C ASN A 88 3.74 -13.59 11.59
N LEU A 89 4.63 -12.66 11.25
CA LEU A 89 4.30 -11.24 11.34
C LEU A 89 3.89 -10.63 10.01
N MET A 90 4.42 -11.13 8.90
CA MET A 90 4.02 -10.56 7.62
C MET A 90 2.52 -10.76 7.36
N THR A 91 1.97 -11.87 7.80
CA THR A 91 0.50 -12.03 7.60
C THR A 91 -0.28 -10.89 8.27
N GLN A 92 0.17 -10.49 9.48
CA GLN A 92 -0.49 -9.46 10.28
C GLN A 92 -0.46 -8.11 9.57
N LEU A 93 0.50 -7.93 8.66
CA LEU A 93 0.52 -6.74 7.82
C LEU A 93 -0.38 -6.78 6.61
N GLY A 94 -0.97 -7.93 6.33
CA GLY A 94 -1.65 -8.19 5.07
C GLY A 94 -0.72 -8.30 3.84
N CYS A 95 0.51 -8.77 4.09
CA CYS A 95 1.56 -8.85 3.06
C CYS A 95 1.35 -10.08 2.15
N THR A 96 1.35 -9.88 0.83
CA THR A 96 1.23 -10.97 -0.12
C THR A 96 2.40 -10.87 -1.10
N LEU A 97 2.69 -11.99 -1.78
CA LEU A 97 3.60 -11.99 -2.91
C LEU A 97 2.71 -11.99 -4.13
N ASN A 98 3.08 -11.16 -5.10
CA ASN A 98 2.28 -11.01 -6.30
C ASN A 98 3.13 -11.09 -7.55
N PHE A 99 2.66 -11.83 -8.57
CA PHE A 99 3.33 -11.84 -9.87
C PHE A 99 2.30 -12.16 -10.95
N PRO B 1 -0.49 -14.60 -9.95
CA PRO B 1 -1.34 -14.85 -8.79
C PRO B 1 -0.93 -13.99 -7.61
N GLN B 2 -1.71 -14.10 -6.55
CA GLN B 2 -1.40 -13.39 -5.34
C GLN B 2 -1.32 -14.45 -4.26
N ILE B 3 -0.20 -14.46 -3.53
CA ILE B 3 -0.02 -15.53 -2.60
C ILE B 3 0.07 -14.98 -1.19
N THR B 4 -0.79 -15.49 -0.31
CA THR B 4 -0.79 -15.03 1.07
C THR B 4 0.23 -15.87 1.82
N LEU B 5 0.51 -15.48 3.05
CA LEU B 5 1.62 -16.11 3.76
C LEU B 5 1.22 -16.85 5.04
N TRP B 6 -0.05 -17.24 5.18
CA TRP B 6 -0.52 -18.00 6.32
C TRP B 6 0.07 -19.41 6.27
N GLN B 7 0.37 -19.90 5.05
CA GLN B 7 1.12 -21.15 4.87
C GLN B 7 2.40 -20.83 4.13
N ARG B 8 3.32 -21.79 4.09
CA ARG B 8 4.50 -21.56 3.23
C ARG B 8 4.16 -21.34 1.78
N PRO B 9 4.83 -20.38 1.12
CA PRO B 9 4.50 -20.13 -0.29
C PRO B 9 5.25 -21.08 -1.22
N ILE B 10 4.74 -22.32 -1.25
CA ILE B 10 5.31 -23.40 -2.02
C ILE B 10 4.65 -23.42 -3.36
N VAL B 11 5.48 -23.55 -4.38
CA VAL B 11 4.96 -23.55 -5.74
C VAL B 11 5.53 -24.74 -6.45
N THR B 12 4.91 -25.10 -7.58
CA THR B 12 5.47 -26.18 -8.34
C THR B 12 6.37 -25.61 -9.44
N ILE B 13 7.57 -26.16 -9.53
CA ILE B 13 8.57 -25.77 -10.56
C ILE B 13 8.84 -26.95 -11.46
N LYS B 14 9.36 -26.69 -12.66
CA LYS B 14 9.83 -27.76 -13.53
C LYS B 14 11.25 -27.44 -13.91
N VAL B 15 12.16 -28.37 -13.66
CA VAL B 15 13.57 -28.11 -13.91
C VAL B 15 14.14 -29.43 -14.35
N GLY B 16 14.88 -29.39 -15.45
CA GLY B 16 15.30 -30.64 -16.10
C GLY B 16 14.18 -31.64 -16.39
N GLY B 17 12.99 -31.15 -16.73
CA GLY B 17 11.87 -32.02 -17.07
C GLY B 17 11.13 -32.59 -15.86
N GLN B 18 11.65 -32.34 -14.65
CA GLN B 18 11.08 -32.87 -13.40
C GLN B 18 10.24 -31.83 -12.68
N LEU B 19 9.02 -32.18 -12.27
CA LEU B 19 8.25 -31.29 -11.37
C LEU B 19 8.74 -31.47 -9.95
N LYS B 20 8.92 -30.34 -9.24
CA LYS B 20 9.36 -30.39 -7.86
C LYS B 20 8.64 -29.27 -7.17
N GLU B 21 8.59 -29.34 -5.85
CA GLU B 21 8.03 -28.21 -5.09
C GLU B 21 9.19 -27.33 -4.62
N ALA B 22 8.95 -26.03 -4.59
CA ALA B 22 10.01 -25.12 -4.13
C ALA B 22 9.37 -23.98 -3.37
N LEU B 23 10.12 -23.37 -2.47
CA LEU B 23 9.65 -22.30 -1.64
C LEU B 23 10.05 -20.92 -2.21
N LEU B 24 9.10 -20.01 -2.40
CA LEU B 24 9.39 -18.62 -2.82
C LEU B 24 9.92 -17.89 -1.60
N ASP B 25 11.19 -17.51 -1.68
CA ASP B 25 11.91 -17.14 -0.46
C ASP B 25 12.56 -15.76 -0.65
N THR B 26 11.89 -14.72 -0.18
CA THR B 26 12.39 -13.37 -0.47
C THR B 26 13.65 -13.04 0.38
N GLY B 27 13.93 -13.83 1.41
CA GLY B 27 15.16 -13.66 2.20
C GLY B 27 16.32 -14.43 1.62
N ALA B 28 16.15 -15.06 0.47
CA ALA B 28 17.27 -15.78 -0.16
C ALA B 28 17.73 -14.97 -1.39
N ASP B 29 19.00 -14.54 -1.40
CA ASP B 29 19.44 -13.84 -2.60
C ASP B 29 19.44 -14.74 -3.85
N ASP B 30 19.75 -16.02 -3.61
CA ASP B 30 19.99 -16.97 -4.68
C ASP B 30 19.00 -18.10 -4.61
N THR B 31 19.03 -18.92 -5.66
CA THR B 31 18.09 -20.09 -5.80
C THR B 31 18.93 -21.32 -5.53
N VAL B 32 18.48 -22.17 -4.62
CA VAL B 32 19.27 -23.37 -4.27
C VAL B 32 18.35 -24.58 -4.37
N LEU B 33 18.78 -25.58 -5.14
CA LEU B 33 17.98 -26.82 -5.32
C LEU B 33 18.66 -27.95 -4.61
N GLU B 34 17.86 -28.88 -4.12
CA GLU B 34 18.38 -30.15 -3.62
C GLU B 34 19.11 -30.89 -4.73
N ASP B 35 20.09 -31.70 -4.34
CA ASP B 35 20.93 -32.38 -5.33
C ASP B 35 20.13 -33.03 -6.47
N MET B 36 20.55 -32.70 -7.69
CA MET B 36 19.94 -33.22 -8.92
C MET B 36 20.98 -33.05 -10.05
N GLU B 37 20.77 -33.72 -11.18
CA GLU B 37 21.71 -33.56 -12.26
C GLU B 37 21.30 -32.32 -13.05
N LEU B 38 22.27 -31.47 -13.33
CA LEU B 38 22.04 -30.31 -14.20
C LEU B 38 23.12 -30.36 -15.27
N PRO B 39 22.83 -29.76 -16.43
CA PRO B 39 23.77 -29.76 -17.56
C PRO B 39 24.91 -28.76 -17.37
N GLY B 40 26.05 -29.06 -18.02
CA GLY B 40 27.09 -28.08 -18.21
C GLY B 40 28.12 -28.08 -17.09
N ARG B 41 28.97 -27.06 -17.09
CA ARG B 41 29.99 -27.01 -16.05
C ARG B 41 29.44 -26.24 -14.87
N TRP B 42 29.99 -26.53 -13.69
CA TRP B 42 29.72 -25.71 -12.51
C TRP B 42 30.94 -25.07 -11.94
N LYS B 43 30.72 -24.08 -11.07
CA LYS B 43 31.83 -23.38 -10.44
C LYS B 43 31.47 -23.23 -8.99
N PRO B 44 32.44 -22.93 -8.17
CA PRO B 44 32.16 -22.93 -6.73
C PRO B 44 31.56 -21.60 -6.32
N ARG B 45 30.64 -21.63 -5.36
CA ARG B 45 30.09 -20.39 -4.81
C ARG B 45 29.92 -20.57 -3.31
N MET B 46 30.25 -19.52 -2.57
CA MET B 46 30.03 -19.55 -1.11
C MET B 46 28.79 -18.75 -0.84
N ILE B 47 27.85 -19.34 -0.08
CA ILE B 47 26.63 -18.60 0.28
C ILE B 47 26.41 -18.56 1.78
N GLY B 48 25.73 -17.51 2.26
CA GLY B 48 25.48 -17.40 3.69
C GLY B 48 24.05 -17.78 4.01
N GLY B 49 23.89 -18.61 5.02
CA GLY B 49 22.54 -18.84 5.54
C GLY B 49 22.51 -18.71 7.05
N ILE B 50 21.45 -19.23 7.65
CA ILE B 50 21.18 -18.95 9.06
C ILE B 50 22.27 -19.55 9.94
N GLY B 51 22.85 -20.66 9.49
CA GLY B 51 23.87 -21.30 10.32
C GLY B 51 25.30 -21.00 9.91
N GLY B 52 25.51 -20.10 8.95
CA GLY B 52 26.86 -19.80 8.47
C GLY B 52 27.04 -19.92 6.96
N PHE B 53 28.30 -19.80 6.51
CA PHE B 53 28.61 -19.74 5.07
C PHE B 53 28.98 -21.16 4.64
N VAL B 54 28.56 -21.55 3.45
CA VAL B 54 28.65 -22.90 2.98
C VAL B 54 29.02 -22.81 1.46
N LYS B 55 29.82 -23.77 0.98
CA LYS B 55 30.12 -23.84 -0.44
C LYS B 55 29.14 -24.73 -1.17
N VAL B 56 28.64 -24.26 -2.31
CA VAL B 56 27.69 -25.02 -3.16
C VAL B 56 28.18 -25.04 -4.61
N ARG B 57 27.49 -25.77 -5.50
CA ARG B 57 27.85 -25.76 -6.91
C ARG B 57 27.00 -24.71 -7.57
N GLN B 58 27.59 -23.93 -8.48
CA GLN B 58 26.84 -22.94 -9.24
C GLN B 58 26.75 -23.32 -10.70
N TYR B 59 25.53 -23.44 -11.20
CA TYR B 59 25.26 -23.70 -12.62
C TYR B 59 24.65 -22.43 -13.21
N ASP B 60 25.01 -22.08 -14.42
CA ASP B 60 24.48 -20.85 -15.00
C ASP B 60 23.46 -21.08 -16.13
N GLN B 61 22.56 -20.11 -16.29
CA GLN B 61 21.59 -20.11 -17.40
C GLN B 61 20.76 -21.38 -17.45
N ILE B 62 20.27 -21.79 -16.29
CA ILE B 62 19.42 -22.97 -16.20
C ILE B 62 17.97 -22.55 -16.32
N PRO B 63 17.23 -23.15 -17.27
CA PRO B 63 15.80 -22.87 -17.38
C PRO B 63 14.97 -23.53 -16.32
N ILE B 64 14.02 -22.79 -15.75
CA ILE B 64 13.04 -23.32 -14.82
C ILE B 64 11.71 -22.75 -15.15
N GLU B 65 10.66 -23.58 -15.10
CA GLU B 65 9.32 -23.07 -15.30
C GLU B 65 8.68 -22.99 -13.91
N ILE B 66 8.26 -21.81 -13.50
CA ILE B 66 7.70 -21.64 -12.15
C ILE B 66 6.28 -21.17 -12.37
N CYS B 67 5.30 -21.97 -11.95
CA CYS B 67 3.89 -21.67 -12.21
C CYS B 67 3.63 -21.35 -13.67
N GLY B 68 4.25 -22.09 -14.60
CA GLY B 68 4.03 -21.79 -16.01
C GLY B 68 4.77 -20.60 -16.62
N HIS B 69 5.60 -19.94 -15.82
CA HIS B 69 6.39 -18.87 -16.36
C HIS B 69 7.82 -19.35 -16.50
N LYS B 70 8.45 -19.04 -17.64
CA LYS B 70 9.78 -19.54 -17.95
C LYS B 70 10.81 -18.55 -17.52
N VAL B 71 11.70 -18.96 -16.61
CA VAL B 71 12.78 -18.12 -16.18
C VAL B 71 14.07 -18.87 -16.53
N ILE B 72 15.17 -18.12 -16.62
CA ILE B 72 16.47 -18.75 -16.94
C ILE B 72 17.54 -18.03 -16.13
N GLY B 73 18.28 -18.75 -15.27
CA GLY B 73 19.28 -18.00 -14.48
C GLY B 73 20.16 -18.93 -13.69
N THR B 74 20.83 -18.36 -12.71
CA THR B 74 21.82 -19.10 -11.90
C THR B 74 21.10 -19.97 -10.91
N VAL B 75 21.49 -21.24 -10.85
CA VAL B 75 20.90 -22.14 -9.87
C VAL B 75 22.03 -22.77 -9.10
N LEU B 76 21.93 -22.82 -7.77
CA LEU B 76 22.97 -23.42 -6.95
C LEU B 76 22.43 -24.78 -6.48
N VAL B 77 23.35 -25.71 -6.32
CA VAL B 77 22.98 -27.03 -5.79
C VAL B 77 23.86 -27.33 -4.57
N GLY B 78 23.22 -27.77 -3.49
CA GLY B 78 23.96 -28.18 -2.30
C GLY B 78 22.96 -28.57 -1.23
N PRO B 79 23.44 -28.88 -0.02
CA PRO B 79 22.56 -29.35 1.08
C PRO B 79 21.56 -28.28 1.42
N THR B 80 20.27 -28.59 1.46
CA THR B 80 19.31 -27.56 1.77
C THR B 80 18.09 -28.24 2.31
N PRO B 81 17.38 -27.61 3.25
CA PRO B 81 16.16 -28.19 3.76
C PRO B 81 15.06 -28.29 2.70
N THR B 82 15.13 -27.46 1.66
CA THR B 82 14.10 -27.52 0.63
C THR B 82 14.59 -26.78 -0.58
N ASN B 83 13.92 -26.98 -1.72
CA ASN B 83 14.25 -26.19 -2.90
C ASN B 83 13.83 -24.77 -2.67
N ILE B 84 14.74 -23.83 -2.86
CA ILE B 84 14.51 -22.42 -2.55
C ILE B 84 14.62 -21.59 -3.83
N ILE B 85 13.55 -20.85 -4.15
CA ILE B 85 13.58 -19.91 -5.30
C ILE B 85 13.87 -18.54 -4.68
N GLY B 86 15.07 -17.99 -4.98
CA GLY B 86 15.43 -16.72 -4.40
C GLY B 86 15.16 -15.54 -5.29
N ARG B 87 15.70 -14.38 -4.85
CA ARG B 87 15.37 -13.17 -5.59
C ARG B 87 15.89 -13.13 -6.98
N ASN B 88 16.99 -13.81 -7.29
CA ASN B 88 17.47 -13.81 -8.69
C ASN B 88 16.39 -14.28 -9.68
N LEU B 89 15.60 -15.31 -9.34
CA LEU B 89 14.56 -15.76 -10.22
C LEU B 89 13.23 -15.12 -9.90
N MET B 90 12.95 -14.71 -8.66
CA MET B 90 11.66 -14.06 -8.43
C MET B 90 11.62 -12.70 -9.16
N THR B 91 12.77 -12.06 -9.36
CA THR B 91 12.71 -10.77 -10.09
C THR B 91 12.33 -11.02 -11.56
N GLN B 92 12.77 -12.15 -12.12
CA GLN B 92 12.36 -12.52 -13.48
C GLN B 92 10.86 -12.79 -13.58
N LEU B 93 10.24 -13.27 -12.51
CA LEU B 93 8.82 -13.48 -12.49
C LEU B 93 8.04 -12.22 -12.32
N GLY B 94 8.73 -11.14 -11.97
CA GLY B 94 8.06 -9.88 -11.65
C GLY B 94 7.45 -9.86 -10.26
N CYS B 95 7.96 -10.71 -9.36
CA CYS B 95 7.35 -10.82 -8.02
C CYS B 95 7.58 -9.60 -7.20
N THR B 96 6.54 -9.18 -6.49
CA THR B 96 6.69 -8.11 -5.51
C THR B 96 6.03 -8.50 -4.19
N LEU B 97 6.50 -7.89 -3.11
CA LEU B 97 5.84 -7.92 -1.82
C LEU B 97 4.91 -6.73 -1.73
N ASN B 98 3.68 -6.99 -1.27
CA ASN B 98 2.65 -5.95 -1.21
C ASN B 98 1.94 -5.91 0.09
N PHE B 99 1.87 -4.75 0.72
CA PHE B 99 1.00 -4.62 1.90
C PHE B 99 0.44 -3.21 1.99
N PRO C 1 -1.88 1.73 1.53
CA PRO C 1 -3.19 1.18 1.88
C PRO C 1 -4.16 1.30 0.73
N GLN C 2 -5.25 0.57 0.84
CA GLN C 2 -6.37 0.70 -0.05
C GLN C 2 -7.57 1.13 0.78
N ILE C 3 -8.13 2.30 0.45
CA ILE C 3 -9.10 2.90 1.31
C ILE C 3 -10.38 2.90 0.56
N THR C 4 -11.42 2.26 1.10
CA THR C 4 -12.69 2.28 0.37
C THR C 4 -13.45 3.57 0.80
N LEU C 5 -14.60 3.78 0.18
CA LEU C 5 -15.23 5.08 0.32
C LEU C 5 -16.63 4.97 0.96
N TRP C 6 -16.88 3.87 1.66
CA TRP C 6 -18.13 3.78 2.42
C TRP C 6 -18.25 4.84 3.49
N GLN C 7 -17.11 5.19 4.09
CA GLN C 7 -16.96 6.31 4.99
C GLN C 7 -16.05 7.36 4.41
N ARG C 8 -16.06 8.54 5.04
CA ARG C 8 -15.12 9.56 4.55
C ARG C 8 -13.68 9.07 4.76
N PRO C 9 -12.80 9.29 3.78
CA PRO C 9 -11.42 8.78 3.85
C PRO C 9 -10.55 9.74 4.65
N ILE C 10 -10.55 9.55 5.97
CA ILE C 10 -9.93 10.50 6.91
C ILE C 10 -8.65 9.84 7.39
N VAL C 11 -7.57 10.60 7.42
CA VAL C 11 -6.28 10.12 7.89
C VAL C 11 -5.62 11.08 8.83
N THR C 12 -4.62 10.58 9.56
CA THR C 12 -3.87 11.40 10.50
C THR C 12 -2.71 12.08 9.80
N ILE C 13 -2.56 13.35 10.06
CA ILE C 13 -1.43 14.11 9.51
C ILE C 13 -0.63 14.81 10.61
N LYS C 14 0.62 15.16 10.31
CA LYS C 14 1.35 16.03 11.20
C LYS C 14 1.86 17.21 10.40
N VAL C 15 1.55 18.42 10.88
CA VAL C 15 1.95 19.66 10.17
C VAL C 15 2.17 20.79 11.15
N GLY C 16 3.24 21.54 10.94
CA GLY C 16 3.56 22.67 11.82
C GLY C 16 3.61 22.29 13.30
N GLY C 17 4.10 21.08 13.57
CA GLY C 17 4.18 20.63 14.94
C GLY C 17 2.85 20.15 15.52
N GLN C 18 1.83 20.05 14.68
CA GLN C 18 0.49 19.70 15.19
C GLN C 18 -0.05 18.43 14.58
N LEU C 19 -0.69 17.59 15.40
CA LEU C 19 -1.22 16.34 14.92
C LEU C 19 -2.70 16.55 14.74
N LYS C 20 -3.24 16.17 13.57
CA LYS C 20 -4.66 16.35 13.31
C LYS C 20 -5.24 15.36 12.29
N GLU C 21 -6.56 15.40 12.11
CA GLU C 21 -7.18 14.48 11.19
C GLU C 21 -7.53 15.29 9.95
N ALA C 22 -7.46 14.65 8.79
CA ALA C 22 -7.78 15.41 7.57
C ALA C 22 -8.42 14.47 6.54
N LEU C 23 -9.14 15.05 5.58
CA LEU C 23 -9.89 14.31 4.57
C LEU C 23 -9.12 14.18 3.29
N LEU C 24 -8.87 12.96 2.81
CA LEU C 24 -8.24 12.79 1.48
C LEU C 24 -9.24 13.13 0.39
N ASP C 25 -8.97 14.23 -0.32
CA ASP C 25 -10.01 14.79 -1.18
C ASP C 25 -9.53 15.02 -2.63
N THR C 26 -9.95 14.11 -3.49
CA THR C 26 -9.57 14.18 -4.90
C THR C 26 -10.24 15.34 -5.61
N GLY C 27 -11.27 15.93 -5.00
CA GLY C 27 -11.94 17.09 -5.59
C GLY C 27 -11.33 18.40 -5.18
N ALA C 28 -10.29 18.38 -4.35
CA ALA C 28 -9.60 19.60 -3.91
C ALA C 28 -8.26 19.78 -4.65
N ASP C 29 -8.11 20.86 -5.41
CA ASP C 29 -6.86 20.98 -6.10
C ASP C 29 -5.69 21.14 -5.12
N ASP C 30 -5.92 21.95 -4.07
CA ASP C 30 -4.86 22.20 -3.07
C ASP C 30 -5.34 21.93 -1.68
N THR C 31 -4.41 21.46 -0.85
CA THR C 31 -4.65 21.19 0.56
C THR C 31 -5.07 22.48 1.28
N VAL C 32 -6.12 22.39 2.11
CA VAL C 32 -6.55 23.55 2.89
C VAL C 32 -6.82 23.05 4.29
N LEU C 33 -6.16 23.70 5.26
CA LEU C 33 -6.33 23.31 6.68
C LEU C 33 -7.07 24.37 7.43
N GLU C 34 -7.77 23.96 8.51
CA GLU C 34 -8.39 24.94 9.39
C GLU C 34 -7.34 25.88 9.95
N ASP C 35 -7.79 27.11 10.21
CA ASP C 35 -6.89 28.19 10.65
C ASP C 35 -5.91 27.77 11.71
N MET C 36 -4.62 28.01 11.43
CA MET C 36 -3.53 27.69 12.33
C MET C 36 -2.33 28.52 11.90
N GLU C 37 -1.31 28.56 12.76
CA GLU C 37 -0.04 29.26 12.46
C GLU C 37 0.88 28.37 11.64
N LEU C 38 1.46 28.95 10.58
CA LEU C 38 2.50 28.30 9.81
C LEU C 38 3.60 29.31 9.61
N PRO C 39 4.82 28.80 9.46
CA PRO C 39 5.97 29.69 9.33
C PRO C 39 6.09 30.28 7.92
N GLY C 40 6.71 31.45 7.83
CA GLY C 40 7.07 32.03 6.54
C GLY C 40 6.07 33.00 5.94
N ARG C 41 6.35 33.44 4.71
CA ARG C 41 5.49 34.41 4.06
C ARG C 41 4.27 33.69 3.44
N TRP C 42 3.19 34.43 3.31
CA TRP C 42 1.98 33.86 2.70
C TRP C 42 1.34 34.88 1.77
N LYS C 43 0.42 34.42 0.94
CA LYS C 43 -0.24 35.31 -0.01
C LYS C 43 -1.73 35.02 0.17
N PRO C 44 -2.56 36.03 0.09
CA PRO C 44 -4.01 35.79 0.18
C PRO C 44 -4.59 35.19 -1.10
N ARG C 45 -5.59 34.32 -0.92
CA ARG C 45 -6.22 33.66 -2.05
C ARG C 45 -7.69 33.41 -1.68
N MET C 46 -8.55 33.22 -2.69
CA MET C 46 -9.93 32.83 -2.47
C MET C 46 -10.16 31.47 -3.09
N ILE C 47 -10.75 30.54 -2.31
CA ILE C 47 -11.14 29.24 -2.89
C ILE C 47 -12.65 29.12 -2.77
N GLY C 48 -13.25 28.45 -3.75
CA GLY C 48 -14.70 28.41 -3.77
C GLY C 48 -15.23 27.03 -4.10
N GLY C 49 -16.45 26.81 -3.68
CA GLY C 49 -17.10 25.54 -4.00
C GLY C 49 -18.55 25.65 -3.58
N ILE C 50 -19.06 24.57 -3.03
CA ILE C 50 -20.42 24.54 -2.55
C ILE C 50 -20.62 25.51 -1.45
N GLY C 51 -19.77 25.66 -0.47
CA GLY C 51 -20.30 26.96 0.14
C GLY C 51 -20.49 28.45 -0.47
N GLY C 52 -20.04 28.67 -1.71
CA GLY C 52 -19.43 29.96 -2.06
C GLY C 52 -17.93 29.92 -1.75
N PHE C 53 -17.37 31.10 -1.45
CA PHE C 53 -15.92 31.28 -1.34
C PHE C 53 -15.48 31.55 0.08
N VAL C 54 -14.24 31.15 0.38
CA VAL C 54 -13.59 31.55 1.63
C VAL C 54 -12.20 32.06 1.35
N LYS C 55 -11.81 33.06 2.12
CA LYS C 55 -10.46 33.61 2.04
C LYS C 55 -9.44 32.75 2.83
N VAL C 56 -8.29 32.50 2.22
CA VAL C 56 -7.25 31.66 2.84
C VAL C 56 -5.92 32.32 2.68
N ARG C 57 -4.94 31.84 3.44
CA ARG C 57 -3.53 32.25 3.33
C ARG C 57 -2.81 31.12 2.68
N GLN C 58 -2.06 31.44 1.61
CA GLN C 58 -1.31 30.43 0.91
C GLN C 58 0.14 30.41 1.37
N TYR C 59 0.56 29.27 1.89
CA TYR C 59 1.95 29.06 2.34
C TYR C 59 2.57 28.06 1.42
N ASP C 60 3.83 28.30 1.03
CA ASP C 60 4.43 27.35 0.11
C ASP C 60 5.47 26.45 0.79
N GLN C 61 5.74 25.32 0.15
CA GLN C 61 6.78 24.36 0.60
C GLN C 61 6.64 23.97 2.07
N ILE C 62 5.44 23.57 2.48
CA ILE C 62 5.18 23.26 3.90
C ILE C 62 5.23 21.75 3.96
N PRO C 63 6.05 21.21 4.88
CA PRO C 63 6.10 19.75 5.10
C PRO C 63 4.93 19.23 5.89
N ILE C 64 4.34 18.13 5.40
CA ILE C 64 3.28 17.44 6.11
C ILE C 64 3.60 15.98 6.04
N GLU C 65 3.40 15.32 7.16
CA GLU C 65 3.50 13.86 7.20
C GLU C 65 2.08 13.32 7.17
N ILE C 66 1.81 12.45 6.20
CA ILE C 66 0.47 11.89 6.00
C ILE C 66 0.61 10.39 6.09
N CYS C 67 -0.02 9.79 7.09
CA CYS C 67 0.13 8.35 7.28
C CYS C 67 1.62 8.00 7.34
N GLY C 68 2.41 8.83 8.03
CA GLY C 68 3.84 8.55 8.14
C GLY C 68 4.70 8.76 6.89
N HIS C 69 4.13 9.24 5.80
CA HIS C 69 4.93 9.54 4.62
C HIS C 69 5.17 11.05 4.60
N LYS C 70 6.42 11.50 4.40
CA LYS C 70 6.73 12.92 4.42
C LYS C 70 6.55 13.49 3.02
N VAL C 71 5.70 14.51 2.88
CA VAL C 71 5.49 15.15 1.58
C VAL C 71 5.62 16.63 1.78
N ILE C 72 5.70 17.38 0.67
CA ILE C 72 5.87 18.84 0.82
C ILE C 72 5.10 19.53 -0.28
N GLY C 73 4.54 20.70 0.04
CA GLY C 73 3.80 21.41 -0.98
C GLY C 73 3.05 22.58 -0.42
N THR C 74 2.22 23.16 -1.27
CA THR C 74 1.42 24.34 -0.88
C THR C 74 0.37 23.94 0.12
N VAL C 75 0.19 24.76 1.16
CA VAL C 75 -0.86 24.49 2.11
C VAL C 75 -1.63 25.79 2.25
N LEU C 76 -2.94 25.75 2.01
CA LEU C 76 -3.76 26.91 2.27
C LEU C 76 -4.32 26.79 3.71
N VAL C 77 -4.52 27.91 4.38
CA VAL C 77 -5.10 27.88 5.75
C VAL C 77 -6.20 28.93 5.83
N GLY C 78 -7.33 28.54 6.42
CA GLY C 78 -8.40 29.50 6.58
C GLY C 78 -9.60 28.82 7.20
N PRO C 79 -10.77 29.46 7.12
CA PRO C 79 -11.92 28.98 7.88
C PRO C 79 -12.68 27.87 7.15
N THR C 80 -11.97 26.86 6.72
CA THR C 80 -12.61 25.67 6.16
C THR C 80 -13.24 24.91 7.31
N PRO C 81 -14.41 24.28 7.04
CA PRO C 81 -15.02 23.47 8.10
C PRO C 81 -14.31 22.19 8.46
N THR C 82 -13.39 21.75 7.59
CA THR C 82 -12.69 20.53 7.86
C THR C 82 -11.31 20.58 7.23
N ASN C 83 -10.34 19.88 7.81
CA ASN C 83 -9.03 19.81 7.15
C ASN C 83 -9.11 18.91 5.92
N ILE C 84 -8.50 19.42 4.86
CA ILE C 84 -8.57 18.76 3.53
C ILE C 84 -7.19 18.55 2.96
N ILE C 85 -6.82 17.30 2.65
CA ILE C 85 -5.60 17.06 1.88
C ILE C 85 -6.00 17.01 0.41
N GLY C 86 -5.39 17.87 -0.41
CA GLY C 86 -5.78 18.01 -1.82
C GLY C 86 -4.84 17.24 -2.74
N ARG C 87 -5.15 17.30 -4.02
CA ARG C 87 -4.33 16.59 -5.04
C ARG C 87 -2.86 16.97 -4.93
N ASN C 88 -2.56 18.22 -4.60
CA ASN C 88 -1.16 18.66 -4.67
C ASN C 88 -0.27 17.89 -3.72
N LEU C 89 -0.84 17.35 -2.66
CA LEU C 89 -0.07 16.45 -1.77
C LEU C 89 -0.36 14.99 -2.03
N MET C 90 -1.57 14.65 -2.49
CA MET C 90 -1.84 13.23 -2.68
C MET C 90 -0.96 12.69 -3.81
N THR C 91 -0.65 13.47 -4.82
CA THR C 91 0.25 12.95 -5.87
C THR C 91 1.61 12.52 -5.29
N GLN C 92 2.07 13.24 -4.27
CA GLN C 92 3.39 13.02 -3.67
C GLN C 92 3.41 11.69 -2.90
N LEU C 93 2.24 11.23 -2.48
CA LEU C 93 2.09 9.89 -1.91
C LEU C 93 2.00 8.78 -2.92
N GLY C 94 1.89 9.11 -4.21
CA GLY C 94 1.60 8.11 -5.23
C GLY C 94 0.16 7.61 -5.16
N CYS C 95 -0.76 8.47 -4.70
CA CYS C 95 -2.15 8.08 -4.48
C CYS C 95 -2.94 8.07 -5.80
N THR C 96 -3.69 7.00 -6.07
CA THR C 96 -4.52 6.93 -7.29
C THR C 96 -5.92 6.53 -6.89
N LEU C 97 -6.90 6.84 -7.77
CA LEU C 97 -8.23 6.31 -7.64
C LEU C 97 -8.31 5.15 -8.57
N ASN C 98 -8.91 4.07 -8.10
CA ASN C 98 -8.96 2.85 -8.89
C ASN C 98 -10.35 2.24 -8.86
N PHE C 99 -10.81 1.77 -10.02
CA PHE C 99 -12.05 1.01 -10.08
C PHE C 99 -12.02 0.15 -11.32
N PRO D 1 -10.23 1.37 -14.40
CA PRO D 1 -9.03 2.20 -14.64
C PRO D 1 -8.34 2.62 -13.36
N GLN D 2 -7.19 3.23 -13.54
CA GLN D 2 -6.45 3.75 -12.40
C GLN D 2 -6.16 5.19 -12.75
N ILE D 3 -6.58 6.10 -11.89
CA ILE D 3 -6.54 7.49 -12.24
C ILE D 3 -5.57 8.21 -11.30
N THR D 4 -4.56 8.87 -11.87
CA THR D 4 -3.62 9.62 -11.04
C THR D 4 -4.19 11.00 -10.80
N LEU D 5 -3.54 11.76 -9.93
CA LEU D 5 -4.15 13.00 -9.45
C LEU D 5 -3.35 14.23 -9.82
N TRP D 6 -2.46 14.10 -10.81
CA TRP D 6 -1.68 15.24 -11.27
C TRP D 6 -2.59 16.30 -11.94
N GLN D 7 -3.70 15.84 -12.51
CA GLN D 7 -4.71 16.75 -13.04
C GLN D 7 -5.99 16.39 -12.33
N ARG D 8 -7.01 17.22 -12.51
CA ARG D 8 -8.33 16.87 -11.91
C ARG D 8 -8.88 15.56 -12.48
N PRO D 9 -9.47 14.70 -11.61
CA PRO D 9 -9.96 13.40 -12.09
C PRO D 9 -11.35 13.57 -12.68
N ILE D 10 -11.39 14.08 -13.89
CA ILE D 10 -12.64 14.38 -14.61
C ILE D 10 -12.96 13.20 -15.51
N VAL D 11 -14.22 12.76 -15.44
CA VAL D 11 -14.67 11.59 -16.21
C VAL D 11 -15.92 11.99 -16.96
N THR D 12 -16.25 11.22 -17.98
CA THR D 12 -17.43 11.48 -18.71
C THR D 12 -18.55 10.62 -18.12
N ILE D 13 -19.68 11.27 -17.85
CA ILE D 13 -20.88 10.61 -17.32
C ILE D 13 -22.00 10.74 -18.32
N LYS D 14 -23.01 9.87 -18.22
CA LYS D 14 -24.17 10.08 -19.03
C LYS D 14 -25.37 10.05 -18.10
N VAL D 15 -26.20 11.10 -18.15
CA VAL D 15 -27.32 11.18 -17.20
C VAL D 15 -28.43 11.85 -17.97
N GLY D 16 -29.63 11.27 -17.91
CA GLY D 16 -30.71 11.70 -18.80
C GLY D 16 -30.37 11.72 -20.28
N GLY D 17 -29.53 10.78 -20.73
CA GLY D 17 -29.17 10.71 -22.14
C GLY D 17 -28.09 11.69 -22.58
N GLN D 18 -27.65 12.57 -21.68
CA GLN D 18 -26.71 13.64 -22.04
C GLN D 18 -25.34 13.28 -21.51
N LEU D 19 -24.30 13.45 -22.34
CA LEU D 19 -22.93 13.32 -21.82
C LEU D 19 -22.48 14.62 -21.15
N LYS D 20 -21.82 14.50 -20.00
CA LYS D 20 -21.33 15.67 -19.28
C LYS D 20 -20.04 15.25 -18.67
N GLU D 21 -19.23 16.22 -18.31
CA GLU D 21 -18.00 15.89 -17.56
C GLU D 21 -18.31 16.08 -16.09
N ALA D 22 -17.69 15.28 -15.24
CA ALA D 22 -17.90 15.42 -13.80
C ALA D 22 -16.60 15.08 -13.10
N LEU D 23 -16.45 15.56 -11.86
CA LEU D 23 -15.27 15.36 -11.08
C LEU D 23 -15.46 14.25 -10.06
N LEU D 24 -14.56 13.26 -10.02
CA LEU D 24 -14.59 12.22 -8.98
C LEU D 24 -14.04 12.85 -7.72
N ASP D 25 -14.88 12.97 -6.71
CA ASP D 25 -14.58 13.87 -5.61
C ASP D 25 -14.73 13.10 -4.29
N THR D 26 -13.61 12.59 -3.76
CA THR D 26 -13.74 11.71 -2.56
C THR D 26 -14.08 12.55 -1.29
N GLY D 27 -13.91 13.89 -1.35
CA GLY D 27 -14.29 14.71 -0.22
C GLY D 27 -15.74 15.14 -0.29
N ALA D 28 -16.51 14.64 -1.23
CA ALA D 28 -17.95 14.97 -1.27
C ALA D 28 -18.73 13.74 -0.85
N ASP D 29 -19.55 13.87 0.20
CA ASP D 29 -20.35 12.71 0.55
C ASP D 29 -21.40 12.35 -0.53
N ASP D 30 -21.89 13.38 -1.21
CA ASP D 30 -23.01 13.26 -2.14
C ASP D 30 -22.60 13.71 -3.53
N THR D 31 -23.46 13.42 -4.48
CA THR D 31 -23.25 13.75 -5.88
C THR D 31 -24.12 14.95 -6.17
N VAL D 32 -23.51 15.96 -6.78
CA VAL D 32 -24.22 17.19 -7.09
C VAL D 32 -24.04 17.54 -8.55
N LEU D 33 -25.15 17.74 -9.26
CA LEU D 33 -25.09 18.11 -10.70
C LEU D 33 -25.53 19.54 -10.86
N GLU D 34 -24.92 20.19 -11.84
CA GLU D 34 -25.43 21.48 -12.35
C GLU D 34 -26.87 21.35 -12.82
N ASP D 35 -27.60 22.45 -12.71
CA ASP D 35 -29.03 22.43 -13.04
C ASP D 35 -29.32 21.73 -14.36
N MET D 36 -30.28 20.81 -14.28
CA MET D 36 -30.72 19.99 -15.43
C MET D 36 -32.08 19.37 -15.08
N GLU D 37 -32.81 18.92 -16.08
CA GLU D 37 -34.08 18.31 -15.77
C GLU D 37 -33.82 16.88 -15.39
N LEU D 38 -34.41 16.46 -14.26
CA LEU D 38 -34.41 15.05 -13.85
C LEU D 38 -35.87 14.64 -13.62
N PRO D 39 -36.16 13.34 -13.73
CA PRO D 39 -37.53 12.87 -13.58
C PRO D 39 -37.95 12.76 -12.13
N GLY D 40 -39.28 12.77 -11.91
CA GLY D 40 -39.84 12.38 -10.64
C GLY D 40 -39.95 13.54 -9.65
N ARG D 41 -40.21 13.20 -8.40
CA ARG D 41 -40.33 14.26 -7.39
C ARG D 41 -38.98 14.50 -6.75
N TRP D 42 -38.81 15.69 -6.24
CA TRP D 42 -37.64 15.96 -5.41
C TRP D 42 -38.00 16.41 -4.02
N LYS D 43 -37.00 16.37 -3.15
CA LYS D 43 -37.20 16.74 -1.76
C LYS D 43 -36.02 17.60 -1.35
N PRO D 44 -36.17 18.32 -0.28
CA PRO D 44 -35.13 19.31 0.05
C PRO D 44 -33.99 18.63 0.80
N ARG D 45 -32.76 19.07 0.59
CA ARG D 45 -31.63 18.52 1.32
C ARG D 45 -30.68 19.68 1.61
N MET D 46 -30.07 19.64 2.78
CA MET D 46 -29.08 20.65 3.17
C MET D 46 -27.75 19.97 3.10
N ILE D 47 -26.81 20.58 2.38
CA ILE D 47 -25.45 20.01 2.28
C ILE D 47 -24.40 21.00 2.71
N GLY D 48 -23.27 20.50 3.22
CA GLY D 48 -22.23 21.40 3.67
C GLY D 48 -21.09 21.39 2.67
N GLY D 49 -20.65 22.58 2.31
CA GLY D 49 -19.45 22.69 1.48
C GLY D 49 -18.47 23.68 2.07
N ILE D 50 -17.46 24.09 1.28
CA ILE D 50 -16.38 24.89 1.85
C ILE D 50 -16.85 26.23 2.39
N GLY D 51 -17.91 26.74 1.80
CA GLY D 51 -18.36 28.09 2.18
C GLY D 51 -19.58 28.05 3.10
N GLY D 52 -20.01 26.87 3.51
CA GLY D 52 -21.16 26.76 4.40
C GLY D 52 -22.22 25.78 3.93
N PHE D 53 -23.37 25.80 4.60
CA PHE D 53 -24.47 24.86 4.30
C PHE D 53 -25.44 25.53 3.34
N VAL D 54 -25.96 24.78 2.35
CA VAL D 54 -26.76 25.28 1.26
C VAL D 54 -27.90 24.24 1.05
N LYS D 55 -29.08 24.72 0.66
CA LYS D 55 -30.19 23.79 0.35
C LYS D 55 -30.18 23.48 -1.13
N VAL D 56 -30.36 22.19 -1.46
CA VAL D 56 -30.37 21.72 -2.86
C VAL D 56 -31.59 20.82 -3.08
N ARG D 57 -31.86 20.43 -4.33
CA ARG D 57 -32.93 19.50 -4.65
C ARG D 57 -32.39 18.10 -4.63
N GLN D 58 -33.10 17.18 -3.98
CA GLN D 58 -32.67 15.78 -3.97
C GLN D 58 -33.58 14.89 -4.79
N TYR D 59 -32.99 14.22 -5.79
CA TYR D 59 -33.74 13.27 -6.64
C TYR D 59 -33.25 11.88 -6.29
N ASP D 60 -34.15 10.91 -6.22
CA ASP D 60 -33.69 9.58 -5.84
C ASP D 60 -33.66 8.55 -6.99
N GLN D 61 -32.78 7.55 -6.84
CA GLN D 61 -32.67 6.43 -7.80
C GLN D 61 -32.56 6.89 -9.24
N ILE D 62 -31.62 7.81 -9.48
CA ILE D 62 -31.36 8.33 -10.80
C ILE D 62 -30.23 7.52 -11.40
N PRO D 63 -30.45 6.94 -12.59
CA PRO D 63 -29.37 6.22 -13.27
C PRO D 63 -28.31 7.15 -13.88
N ILE D 64 -27.04 6.82 -13.67
CA ILE D 64 -25.93 7.51 -14.34
C ILE D 64 -24.96 6.47 -14.83
N GLU D 65 -24.42 6.65 -16.02
CA GLU D 65 -23.35 5.80 -16.48
C GLU D 65 -22.05 6.58 -16.35
N ILE D 66 -21.08 6.03 -15.63
CA ILE D 66 -19.81 6.70 -15.36
C ILE D 66 -18.74 5.79 -15.93
N CYS D 67 -18.04 6.25 -16.96
CA CYS D 67 -17.06 5.40 -17.67
C CYS D 67 -17.62 4.05 -18.07
N GLY D 68 -18.85 4.02 -18.59
CA GLY D 68 -19.45 2.75 -18.95
C GLY D 68 -20.00 1.85 -17.85
N HIS D 69 -19.92 2.29 -16.60
CA HIS D 69 -20.48 1.49 -15.54
C HIS D 69 -21.79 2.14 -15.11
N LYS D 70 -22.84 1.34 -14.97
CA LYS D 70 -24.14 1.88 -14.60
C LYS D 70 -24.28 1.93 -13.10
N VAL D 71 -24.54 3.11 -12.58
CA VAL D 71 -24.85 3.27 -11.17
C VAL D 71 -26.26 3.89 -11.06
N ILE D 72 -26.89 3.70 -9.92
CA ILE D 72 -28.22 4.27 -9.69
C ILE D 72 -28.32 4.78 -8.26
N GLY D 73 -28.59 6.08 -8.05
CA GLY D 73 -28.65 6.51 -6.65
C GLY D 73 -29.10 7.93 -6.56
N THR D 74 -28.83 8.50 -5.40
CA THR D 74 -29.30 9.86 -5.08
C THR D 74 -28.47 10.92 -5.80
N VAL D 75 -29.14 11.85 -6.49
CA VAL D 75 -28.43 12.94 -7.17
C VAL D 75 -29.00 14.23 -6.70
N LEU D 76 -28.15 15.18 -6.29
CA LEU D 76 -28.59 16.48 -5.82
C LEU D 76 -28.37 17.47 -6.97
N VAL D 77 -29.24 18.46 -7.05
CA VAL D 77 -29.08 19.51 -8.08
C VAL D 77 -29.11 20.84 -7.37
N GLY D 78 -28.13 21.67 -7.68
CA GLY D 78 -28.13 23.03 -7.15
C GLY D 78 -26.87 23.72 -7.63
N PRO D 79 -26.64 24.95 -7.17
CA PRO D 79 -25.48 25.74 -7.66
C PRO D 79 -24.17 25.06 -7.34
N THR D 80 -23.30 24.89 -8.34
CA THR D 80 -22.09 24.16 -8.04
C THR D 80 -21.08 24.58 -9.07
N PRO D 81 -19.79 24.64 -8.70
CA PRO D 81 -18.76 25.00 -9.68
C PRO D 81 -18.62 23.93 -10.78
N THR D 82 -19.00 22.69 -10.47
CA THR D 82 -18.89 21.63 -11.46
C THR D 82 -19.72 20.47 -11.06
N ASN D 83 -19.99 19.59 -12.00
CA ASN D 83 -20.67 18.32 -11.65
C ASN D 83 -19.74 17.49 -10.79
N ILE D 84 -20.22 17.06 -9.62
CA ILE D 84 -19.41 16.37 -8.62
C ILE D 84 -19.97 14.97 -8.39
N ILE D 85 -19.12 13.93 -8.55
CA ILE D 85 -19.57 12.57 -8.29
C ILE D 85 -19.02 12.26 -6.90
N GLY D 86 -19.88 12.08 -5.90
CA GLY D 86 -19.41 11.90 -4.52
C GLY D 86 -19.33 10.44 -4.11
N ARG D 87 -19.11 10.21 -2.82
CA ARG D 87 -18.89 8.82 -2.42
C ARG D 87 -20.10 7.96 -2.58
N ASN D 88 -21.31 8.52 -2.54
CA ASN D 88 -22.48 7.65 -2.68
C ASN D 88 -22.42 6.86 -4.01
N LEU D 89 -21.95 7.50 -5.08
CA LEU D 89 -21.87 6.79 -6.34
C LEU D 89 -20.49 6.17 -6.57
N MET D 90 -19.41 6.76 -6.02
CA MET D 90 -18.13 6.10 -6.22
C MET D 90 -18.12 4.72 -5.51
N THR D 91 -18.86 4.58 -4.40
CA THR D 91 -18.88 3.23 -3.78
C THR D 91 -19.55 2.21 -4.71
N GLN D 92 -20.58 2.64 -5.44
CA GLN D 92 -21.18 1.73 -6.43
C GLN D 92 -20.23 1.32 -7.53
N LEU D 93 -19.30 2.19 -7.89
CA LEU D 93 -18.27 1.88 -8.86
C LEU D 93 -17.18 0.99 -8.34
N GLY D 94 -17.10 0.84 -7.02
CA GLY D 94 -16.05 0.07 -6.38
C GLY D 94 -14.75 0.84 -6.32
N CYS D 95 -14.86 2.18 -6.29
CA CYS D 95 -13.67 3.01 -6.29
C CYS D 95 -12.94 2.96 -4.98
N THR D 96 -11.62 2.88 -5.04
CA THR D 96 -10.82 3.01 -3.81
C THR D 96 -9.67 4.00 -4.05
N LEU D 97 -9.15 4.58 -2.96
CA LEU D 97 -7.92 5.33 -2.97
C LEU D 97 -6.79 4.37 -2.61
N ASN D 98 -5.70 4.49 -3.35
CA ASN D 98 -4.57 3.57 -3.19
C ASN D 98 -3.27 4.30 -3.18
N PHE D 99 -2.44 3.98 -2.18
CA PHE D 99 -1.07 4.50 -2.16
C PHE D 99 -0.16 3.57 -1.37
#